data_3E5J
#
_entry.id   3E5J
#
_cell.length_a   88.401
_cell.length_b   88.401
_cell.length_c   193.885
_cell.angle_alpha   90.00
_cell.angle_beta   90.00
_cell.angle_gamma   90.00
#
_symmetry.space_group_name_H-M   'P 43 21 2'
#
loop_
_entity.id
_entity.type
_entity.pdbx_description
1 polymer 'Cytochrome P450 (Cytochrome P450 hydroxylase)'
2 non-polymer 'PROTOPORPHYRIN IX CONTAINING FE'
3 water water
#
_entity_poly.entity_id   1
_entity_poly.type   'polypeptide(L)'
_entity_poly.pdbx_seq_one_letter_code
;MPEPTADAPTVPKARSCPFLPPDGIADIRAAAPVTRATFTSGHEAWLVTGYEEVRALLRDSSFSVQVPHALHTQDGVVTQ
KPGRGSLLWQDEPEHTSDRKLLAKEFTVRRMQALRPNIQRIVDEHLDAIEARGGPVDLVKTFANAVPSMVISDLFGVPVE
RRAEFQDIAEAMMRVDQDAAATEAAGMRLGGLLYQLVQERRANPGDDLISALITTEDPDGVVDDMFLMNAAGTLLIAAHD
TTACMIGLGTALLLDSPDQLALLREDPSLVGNAVEELLRYLTIGQFGGERVATRDVELGGVRIAKGEQVVAHVLAADFDP
AFVEEPERFDITRRPAPHLAFGFGAHQCIGQQLARIELQIVFETLFRRLPGLRLAKPVEELRFRHDIVFYGVHELPVTWH
HHH
;
_entity_poly.pdbx_strand_id   A
#
loop_
_chem_comp.id
_chem_comp.type
_chem_comp.name
_chem_comp.formula
HEM non-polymer 'PROTOPORPHYRIN IX CONTAINING FE' 'C34 H32 Fe N4 O4'
#
# COMPACT_ATOMS: atom_id res chain seq x y z
N ASP A 7 -2.83 -3.82 -31.36
CA ASP A 7 -4.10 -3.03 -31.33
C ASP A 7 -5.22 -3.74 -30.58
N ALA A 8 -4.84 -4.50 -29.53
CA ALA A 8 -5.83 -5.11 -28.65
C ALA A 8 -6.56 -3.92 -28.07
N PRO A 9 -7.82 -4.08 -27.67
CA PRO A 9 -8.58 -2.97 -27.10
C PRO A 9 -7.90 -2.36 -25.88
N THR A 10 -8.06 -1.05 -25.67
CA THR A 10 -7.55 -0.46 -24.42
C THR A 10 -8.37 -0.96 -23.24
N VAL A 11 -7.76 -1.00 -22.07
CA VAL A 11 -8.46 -1.44 -20.88
C VAL A 11 -9.59 -0.45 -20.58
N PRO A 12 -10.84 -0.95 -20.38
CA PRO A 12 -11.96 -0.08 -20.06
C PRO A 12 -11.70 0.61 -18.73
N LYS A 13 -12.04 1.89 -18.62
CA LYS A 13 -11.91 2.59 -17.34
C LYS A 13 -12.92 2.01 -16.35
N ALA A 14 -12.44 1.61 -15.16
CA ALA A 14 -13.29 0.96 -14.16
C ALA A 14 -14.26 1.92 -13.53
N ARG A 15 -13.75 3.11 -13.20
CA ARG A 15 -14.56 4.12 -12.54
C ARG A 15 -13.85 5.47 -12.60
N SER A 16 -14.63 6.54 -12.46
CA SER A 16 -14.12 7.89 -12.56
C SER A 16 -13.64 8.43 -11.22
N CYS A 17 -13.89 7.66 -10.16
CA CYS A 17 -13.68 8.08 -8.78
C CYS A 17 -13.56 6.80 -7.96
N PRO A 18 -12.61 6.71 -7.03
CA PRO A 18 -12.44 5.49 -6.22
C PRO A 18 -13.64 5.19 -5.32
N PHE A 19 -14.57 6.14 -5.16
CA PHE A 19 -15.64 5.97 -4.17
C PHE A 19 -16.84 5.32 -4.84
N LEU A 20 -16.77 5.15 -6.15
CA LEU A 20 -17.86 4.55 -6.93
C LEU A 20 -17.56 3.08 -7.21
N PRO A 21 -18.59 2.28 -7.49
CA PRO A 21 -18.25 0.90 -7.90
C PRO A 21 -17.50 0.88 -9.23
N PRO A 22 -16.57 -0.08 -9.42
CA PRO A 22 -15.85 -0.12 -10.66
C PRO A 22 -16.66 -0.81 -11.75
N ASP A 23 -17.87 -0.29 -11.98
CA ASP A 23 -18.78 -0.88 -12.98
C ASP A 23 -18.23 -0.95 -14.40
N GLY A 24 -17.27 -0.09 -14.74
CA GLY A 24 -16.69 -0.10 -16.10
C GLY A 24 -15.91 -1.35 -16.52
N ILE A 25 -15.47 -2.15 -15.55
CA ILE A 25 -14.69 -3.37 -15.83
C ILE A 25 -15.53 -4.66 -15.71
N ALA A 26 -16.79 -4.52 -15.25
CA ALA A 26 -17.67 -5.65 -14.97
C ALA A 26 -17.94 -6.53 -16.19
N ASP A 27 -18.27 -5.88 -17.31
CA ASP A 27 -18.65 -6.61 -18.53
C ASP A 27 -17.49 -7.46 -19.04
N ILE A 28 -16.27 -6.91 -19.05
CA ILE A 28 -15.11 -7.70 -19.47
C ILE A 28 -14.87 -8.86 -18.56
N ARG A 29 -14.96 -8.61 -17.24
CA ARG A 29 -14.72 -9.66 -16.26
C ARG A 29 -15.71 -10.79 -16.45
N ALA A 30 -16.97 -10.44 -16.70
CA ALA A 30 -18.02 -11.47 -16.81
C ALA A 30 -17.81 -12.32 -18.05
N ALA A 31 -17.41 -11.69 -19.16
CA ALA A 31 -17.28 -12.39 -20.45
C ALA A 31 -15.91 -13.05 -20.63
N ALA A 32 -14.85 -12.32 -20.29
CA ALA A 32 -13.50 -12.74 -20.65
C ALA A 32 -12.52 -12.41 -19.54
N PRO A 33 -12.55 -13.18 -18.43
CA PRO A 33 -11.67 -12.92 -17.28
C PRO A 33 -10.17 -13.07 -17.58
N VAL A 34 -9.84 -13.65 -18.73
CA VAL A 34 -8.47 -13.62 -19.28
C VAL A 34 -8.62 -13.19 -20.73
N THR A 35 -8.01 -12.05 -21.07
CA THR A 35 -8.17 -11.48 -22.42
C THR A 35 -6.92 -10.64 -22.77
N ARG A 36 -6.85 -10.17 -24.01
CA ARG A 36 -5.76 -9.33 -24.46
C ARG A 36 -6.22 -7.90 -24.43
N ALA A 37 -5.33 -7.00 -23.98
CA ALA A 37 -5.63 -5.59 -23.95
C ALA A 37 -4.37 -4.79 -24.20
N THR A 38 -4.54 -3.55 -24.64
CA THR A 38 -3.45 -2.59 -24.72
C THR A 38 -3.48 -1.68 -23.49
N PHE A 39 -2.32 -1.55 -22.86
CA PHE A 39 -2.17 -0.84 -21.60
C PHE A 39 -1.62 0.56 -21.86
N THR A 40 -1.63 1.44 -20.84
CA THR A 40 -1.21 2.85 -21.02
C THR A 40 0.16 3.09 -21.71
N SER A 41 1.14 2.22 -21.48
CA SER A 41 2.43 2.36 -22.15
C SER A 41 2.37 2.10 -23.65
N GLY A 42 1.24 1.57 -24.12
CA GLY A 42 1.09 1.30 -25.54
C GLY A 42 1.35 -0.15 -25.85
N HIS A 43 1.77 -0.94 -24.85
CA HIS A 43 2.01 -2.36 -25.05
C HIS A 43 0.82 -3.23 -24.67
N GLU A 44 0.72 -4.38 -25.33
CA GLU A 44 -0.32 -5.39 -25.10
C GLU A 44 0.17 -6.39 -24.09
N ALA A 45 -0.78 -6.94 -23.34
CA ALA A 45 -0.53 -7.96 -22.38
C ALA A 45 -1.84 -8.68 -22.12
N TRP A 46 -1.77 -9.80 -21.43
CA TRP A 46 -2.93 -10.51 -20.94
C TRP A 46 -3.48 -9.74 -19.72
N LEU A 47 -4.76 -9.37 -19.82
CA LEU A 47 -5.52 -8.68 -18.78
C LEU A 47 -6.31 -9.73 -18.04
N VAL A 48 -6.11 -9.86 -16.73
CA VAL A 48 -6.79 -10.90 -15.97
C VAL A 48 -7.64 -10.23 -14.90
N THR A 49 -8.95 -10.46 -14.93
CA THR A 49 -9.90 -9.69 -14.11
C THR A 49 -10.76 -10.56 -13.19
N GLY A 50 -10.86 -11.86 -13.48
CA GLY A 50 -11.74 -12.72 -12.66
C GLY A 50 -11.03 -12.99 -11.35
N TYR A 51 -11.78 -13.11 -10.26
CA TYR A 51 -11.16 -13.36 -8.96
C TYR A 51 -10.39 -14.69 -8.99
N GLU A 52 -11.04 -15.73 -9.49
CA GLU A 52 -10.42 -17.04 -9.49
C GLU A 52 -9.11 -17.01 -10.29
N GLU A 53 -9.12 -16.36 -11.45
CA GLU A 53 -7.94 -16.35 -12.30
C GLU A 53 -6.83 -15.43 -11.77
N VAL A 54 -7.19 -14.26 -11.24
CA VAL A 54 -6.20 -13.40 -10.58
C VAL A 54 -5.53 -14.15 -9.42
N ARG A 55 -6.34 -14.80 -8.59
CA ARG A 55 -5.77 -15.59 -7.50
C ARG A 55 -4.84 -16.69 -8.03
N ALA A 56 -5.25 -17.40 -9.10
CA ALA A 56 -4.42 -18.47 -9.67
C ALA A 56 -3.12 -17.94 -10.26
N LEU A 57 -3.19 -16.77 -10.88
CA LEU A 57 -2.00 -16.08 -11.43
C LEU A 57 -0.98 -15.71 -10.33
N LEU A 58 -1.46 -15.03 -9.29
CA LEU A 58 -0.58 -14.58 -8.20
C LEU A 58 0.05 -15.76 -7.48
N ARG A 59 -0.70 -16.84 -7.35
CA ARG A 59 -0.22 -18.07 -6.69
C ARG A 59 0.89 -18.81 -7.45
N ASP A 60 0.95 -18.61 -8.77
CA ASP A 60 1.78 -19.42 -9.66
C ASP A 60 3.16 -18.77 -9.87
N SER A 61 4.20 -19.41 -9.35
CA SER A 61 5.56 -18.89 -9.50
C SER A 61 6.09 -18.90 -10.95
N SER A 62 5.31 -19.45 -11.89
CA SER A 62 5.63 -19.40 -13.32
C SER A 62 5.52 -18.00 -13.87
N PHE A 63 4.91 -17.10 -13.10
CA PHE A 63 4.83 -15.73 -13.54
C PHE A 63 5.69 -14.92 -12.63
N SER A 64 6.79 -14.37 -13.15
CA SER A 64 7.68 -13.57 -12.32
C SER A 64 7.37 -12.09 -12.48
N VAL A 65 7.49 -11.32 -11.38
CA VAL A 65 7.19 -9.88 -11.41
C VAL A 65 8.26 -9.11 -12.18
N GLN A 66 7.86 -8.30 -13.15
CA GLN A 66 8.82 -7.46 -13.90
C GLN A 66 8.77 -6.01 -13.46
N VAL A 67 7.56 -5.52 -13.16
CA VAL A 67 7.37 -4.13 -12.74
C VAL A 67 6.52 -4.16 -11.46
N PRO A 68 7.08 -3.70 -10.33
CA PRO A 68 6.34 -3.86 -9.08
C PRO A 68 5.11 -3.00 -8.96
N HIS A 69 4.26 -3.37 -8.01
CA HIS A 69 3.05 -2.63 -7.70
C HIS A 69 3.33 -1.11 -7.65
N ALA A 70 2.54 -0.32 -8.38
CA ALA A 70 2.89 1.10 -8.68
C ALA A 70 3.05 1.95 -7.42
N LEU A 71 2.21 1.71 -6.42
CA LEU A 71 2.21 2.52 -5.21
C LEU A 71 3.37 2.18 -4.28
N HIS A 72 4.08 1.08 -4.54
CA HIS A 72 5.20 0.67 -3.66
C HIS A 72 6.56 1.19 -4.08
N THR A 73 6.58 1.89 -5.19
CA THR A 73 7.83 2.43 -5.76
C THR A 73 7.75 3.95 -5.98
N GLN A 74 8.88 4.64 -5.88
CA GLN A 74 8.96 6.07 -6.18
C GLN A 74 10.00 6.27 -7.28
N ASP A 75 9.79 7.30 -8.09
CA ASP A 75 10.59 7.58 -9.30
C ASP A 75 12.05 7.04 -9.44
N GLY A 76 13.04 7.53 -8.69
CA GLY A 76 12.91 8.32 -7.47
C GLY A 76 14.00 7.80 -6.51
N VAL A 77 13.79 6.56 -6.06
CA VAL A 77 14.73 5.78 -5.26
C VAL A 77 15.82 5.18 -6.17
N VAL A 78 17.05 4.92 -5.69
CA VAL A 78 17.46 4.88 -4.27
C VAL A 78 17.42 6.24 -3.54
N GLY A 83 18.60 -4.23 -5.70
CA GLY A 83 19.43 -5.42 -5.65
C GLY A 83 19.02 -6.24 -4.44
N ARG A 84 19.97 -6.98 -3.89
CA ARG A 84 19.78 -7.85 -2.73
C ARG A 84 19.10 -7.14 -1.58
N GLY A 85 17.99 -7.69 -1.15
CA GLY A 85 17.26 -7.16 0.01
C GLY A 85 16.14 -6.21 -0.34
N SER A 86 15.98 -5.85 -1.62
CA SER A 86 14.89 -4.93 -1.95
C SER A 86 13.55 -5.62 -2.24
N LEU A 87 13.61 -6.91 -2.59
CA LEU A 87 12.44 -7.75 -2.86
C LEU A 87 11.71 -7.38 -4.13
N LEU A 88 11.31 -6.11 -4.20
CA LEU A 88 10.56 -5.52 -5.30
C LEU A 88 11.32 -5.66 -6.59
N TRP A 89 12.59 -5.28 -6.57
CA TRP A 89 13.41 -5.26 -7.77
C TRP A 89 14.34 -6.46 -7.83
N GLN A 90 13.77 -7.63 -7.57
CA GLN A 90 14.57 -8.84 -7.41
C GLN A 90 14.12 -10.02 -8.19
N ASP A 91 15.01 -10.43 -9.09
CA ASP A 91 14.86 -11.66 -9.81
C ASP A 91 15.08 -12.87 -8.88
N GLU A 92 14.44 -13.97 -9.26
CA GLU A 92 14.56 -15.27 -8.61
C GLU A 92 15.89 -15.94 -8.92
N PRO A 93 16.46 -16.74 -7.98
CA PRO A 93 15.97 -17.22 -6.67
C PRO A 93 16.38 -16.37 -5.48
N GLU A 94 17.05 -15.25 -5.75
CA GLU A 94 17.46 -14.30 -4.72
C GLU A 94 16.23 -13.69 -4.02
N HIS A 95 15.16 -13.45 -4.78
CA HIS A 95 13.93 -12.93 -4.15
C HIS A 95 13.52 -13.79 -2.98
N THR A 96 13.41 -15.09 -3.23
CA THR A 96 12.96 -16.05 -2.23
C THR A 96 13.84 -16.08 -0.98
N SER A 97 15.16 -16.15 -1.18
CA SER A 97 16.05 -16.26 -0.04
C SER A 97 16.19 -14.93 0.71
N ASP A 98 16.17 -13.81 -0.02
CA ASP A 98 16.25 -12.49 0.60
C ASP A 98 14.97 -12.16 1.36
N ARG A 99 13.83 -12.54 0.78
CA ARG A 99 12.56 -12.43 1.52
C ARG A 99 12.57 -13.25 2.81
N LYS A 100 13.09 -14.48 2.73
CA LYS A 100 13.14 -15.34 3.90
C LYS A 100 14.01 -14.71 4.98
N LEU A 101 15.16 -14.14 4.59
CA LEU A 101 16.02 -13.41 5.53
C LEU A 101 15.30 -12.25 6.21
N LEU A 102 14.73 -11.35 5.41
CA LEU A 102 14.00 -10.20 5.93
C LEU A 102 12.84 -10.62 6.82
N ALA A 103 12.07 -11.60 6.37
CA ALA A 103 10.90 -12.08 7.13
C ALA A 103 11.28 -12.73 8.48
N LYS A 104 12.56 -13.07 8.65
CA LYS A 104 13.05 -13.66 9.90
C LYS A 104 13.00 -12.64 11.03
N GLU A 105 13.17 -11.37 10.67
CA GLU A 105 13.20 -10.28 11.64
C GLU A 105 12.02 -9.32 11.49
N PHE A 106 11.55 -9.09 10.26
CA PHE A 106 10.32 -8.31 10.05
C PHE A 106 9.12 -9.27 10.09
N THR A 107 8.78 -9.67 11.31
CA THR A 107 7.81 -10.70 11.57
C THR A 107 6.49 -10.03 11.95
N VAL A 108 5.43 -10.83 11.91
CA VAL A 108 4.13 -10.35 12.34
C VAL A 108 4.22 -10.02 13.85
N ARG A 109 4.97 -10.80 14.60
CA ARG A 109 5.21 -10.49 16.00
C ARG A 109 5.76 -9.06 16.19
N ARG A 110 6.79 -8.70 15.40
CA ARG A 110 7.37 -7.34 15.45
C ARG A 110 6.33 -6.26 15.11
N MET A 111 5.48 -6.56 14.13
CA MET A 111 4.42 -5.64 13.74
C MET A 111 3.39 -5.45 14.87
N GLN A 112 2.92 -6.53 15.46
CA GLN A 112 1.98 -6.44 16.61
C GLN A 112 2.64 -5.66 17.75
N ALA A 113 3.93 -5.88 17.92
CA ALA A 113 4.67 -5.24 19.00
C ALA A 113 4.69 -3.72 18.87
N LEU A 114 4.39 -3.22 17.66
CA LEU A 114 4.33 -1.78 17.40
C LEU A 114 2.99 -1.13 17.71
N ARG A 115 1.99 -1.87 18.21
CA ARG A 115 0.71 -1.22 18.52
C ARG A 115 0.85 -0.01 19.45
N PRO A 116 1.57 -0.16 20.60
CA PRO A 116 1.63 1.04 21.45
C PRO A 116 2.30 2.23 20.76
N ASN A 117 3.32 1.95 19.94
CA ASN A 117 4.04 2.98 19.16
C ASN A 117 3.07 3.69 18.21
N ILE A 118 2.28 2.87 17.51
CA ILE A 118 1.29 3.40 16.56
C ILE A 118 0.24 4.23 17.27
N GLN A 119 -0.27 3.74 18.42
CA GLN A 119 -1.25 4.54 19.18
C GLN A 119 -0.66 5.90 19.56
N ARG A 120 0.56 5.88 20.12
CA ARG A 120 1.28 7.09 20.51
C ARG A 120 1.36 8.06 19.31
N ILE A 121 1.85 7.56 18.18
CA ILE A 121 2.04 8.40 16.99
C ILE A 121 0.71 9.02 16.53
N VAL A 122 -0.32 8.18 16.42
CA VAL A 122 -1.65 8.62 16.01
C VAL A 122 -2.18 9.69 16.99
N ASP A 123 -2.08 9.39 18.29
CA ASP A 123 -2.52 10.38 19.28
C ASP A 123 -1.74 11.71 19.21
N GLU A 124 -0.44 11.62 18.97
CA GLU A 124 0.41 12.83 18.89
C GLU A 124 -0.05 13.72 17.74
N HIS A 125 -0.32 13.10 16.58
CA HIS A 125 -0.78 13.84 15.40
C HIS A 125 -2.16 14.46 15.61
N LEU A 126 -3.05 13.72 16.26
CA LEU A 126 -4.37 14.26 16.61
C LEU A 126 -4.35 15.35 17.69
N ASP A 127 -3.38 15.30 18.60
CA ASP A 127 -3.17 16.39 19.56
C ASP A 127 -2.84 17.69 18.82
N ALA A 128 -1.89 17.63 17.90
CA ALA A 128 -1.52 18.79 17.08
C ALA A 128 -2.72 19.33 16.30
N ILE A 129 -3.49 18.44 15.69
CA ILE A 129 -4.69 18.80 14.93
C ILE A 129 -5.73 19.52 15.79
N GLU A 130 -6.13 18.93 16.91
CA GLU A 130 -7.19 19.58 17.66
C GLU A 130 -6.71 20.77 18.50
N ALA A 131 -5.40 20.85 18.72
CA ALA A 131 -4.77 22.05 19.30
C ALA A 131 -4.94 23.25 18.38
N ARG A 132 -4.91 23.03 17.07
CA ARG A 132 -5.07 24.13 16.12
C ARG A 132 -6.51 24.38 15.60
N GLY A 133 -7.37 23.35 15.61
CA GLY A 133 -8.64 23.43 14.87
C GLY A 133 -8.28 23.48 13.38
N GLY A 134 -9.17 23.15 12.46
CA GLY A 134 -10.61 23.16 12.59
C GLY A 134 -11.01 24.31 11.69
N PRO A 135 -11.00 24.11 10.34
CA PRO A 135 -10.71 22.92 9.54
C PRO A 135 -9.22 22.65 9.31
N VAL A 136 -8.90 21.39 9.00
CA VAL A 136 -7.53 21.00 8.69
C VAL A 136 -7.48 20.10 7.46
N ASP A 137 -6.33 20.11 6.78
CA ASP A 137 -6.08 19.15 5.73
C ASP A 137 -5.60 17.84 6.36
N LEU A 138 -6.46 16.83 6.35
CA LEU A 138 -6.08 15.52 6.92
C LEU A 138 -4.92 14.82 6.18
N VAL A 139 -4.66 15.19 4.93
CA VAL A 139 -3.54 14.58 4.19
C VAL A 139 -2.19 15.03 4.78
N LYS A 140 -1.95 16.33 4.82
CA LYS A 140 -0.64 16.82 5.27
C LYS A 140 -0.40 16.51 6.73
N THR A 141 -1.43 16.68 7.56
CA THR A 141 -1.29 16.66 8.99
C THR A 141 -1.34 15.26 9.60
N PHE A 142 -1.71 14.27 8.80
CA PHE A 142 -2.14 13.00 9.37
C PHE A 142 -1.87 11.81 8.44
N ALA A 143 -2.56 11.74 7.29
CA ALA A 143 -2.43 10.58 6.42
C ALA A 143 -0.99 10.40 5.91
N ASN A 144 -0.36 11.50 5.52
CA ASN A 144 1.02 11.44 4.99
C ASN A 144 2.08 11.35 6.08
N ALA A 145 1.72 11.76 7.30
CA ALA A 145 2.70 11.90 8.38
C ALA A 145 2.85 10.64 9.24
N VAL A 146 1.72 10.05 9.60
CA VAL A 146 1.71 8.84 10.43
C VAL A 146 2.56 7.68 9.92
N PRO A 147 2.36 7.25 8.65
CA PRO A 147 3.04 6.02 8.21
C PRO A 147 4.56 6.09 8.24
N SER A 148 5.17 7.24 7.91
CA SER A 148 6.63 7.31 7.92
C SER A 148 7.14 7.32 9.38
N MET A 149 6.34 7.87 10.29
CA MET A 149 6.78 7.86 11.69
C MET A 149 6.69 6.46 12.32
N VAL A 150 5.72 5.67 11.88
CA VAL A 150 5.67 4.26 12.31
C VAL A 150 6.95 3.56 11.85
N ILE A 151 7.34 3.79 10.60
CA ILE A 151 8.60 3.21 10.08
C ILE A 151 9.82 3.75 10.85
N SER A 152 9.83 5.04 11.15
CA SER A 152 10.90 5.63 11.97
C SER A 152 11.07 4.77 13.26
N ASP A 153 9.95 4.45 13.92
CA ASP A 153 10.00 3.65 15.14
C ASP A 153 10.47 2.22 14.89
N LEU A 154 9.96 1.60 13.82
CA LEU A 154 10.44 0.28 13.39
C LEU A 154 11.96 0.25 13.22
N PHE A 155 12.53 1.36 12.75
CA PHE A 155 13.97 1.46 12.48
C PHE A 155 14.76 1.99 13.66
N GLY A 156 14.10 2.17 14.79
CA GLY A 156 14.77 2.62 16.02
C GLY A 156 15.23 4.06 16.03
N VAL A 157 14.66 4.91 15.18
CA VAL A 157 15.04 6.32 15.12
C VAL A 157 14.66 7.05 16.43
N PRO A 158 15.64 7.71 17.10
CA PRO A 158 15.31 8.44 18.34
C PRO A 158 14.37 9.60 18.06
N VAL A 159 13.60 10.01 19.07
CA VAL A 159 12.63 11.09 18.89
C VAL A 159 13.34 12.37 18.35
N GLU A 160 14.64 12.48 18.65
CA GLU A 160 15.57 13.57 18.21
C GLU A 160 15.29 14.39 16.90
N ARG A 161 15.15 13.87 15.68
CA ARG A 161 15.83 12.76 14.93
C ARG A 161 14.72 12.35 14.00
N ARG A 162 13.50 12.35 14.56
CA ARG A 162 12.26 12.20 13.80
C ARG A 162 12.02 13.35 12.83
N ALA A 163 12.31 14.58 13.25
CA ALA A 163 12.06 15.75 12.40
C ALA A 163 12.74 15.55 11.04
N GLU A 164 14.00 15.14 11.09
CA GLU A 164 14.82 14.94 9.88
C GLU A 164 14.27 13.79 9.04
N PHE A 165 13.99 12.67 9.72
CA PHE A 165 13.45 11.49 9.08
C PHE A 165 12.15 11.85 8.37
N GLN A 166 11.25 12.60 9.03
CA GLN A 166 9.93 12.91 8.44
C GLN A 166 10.06 13.73 7.18
N ASP A 167 10.91 14.75 7.27
CA ASP A 167 11.15 15.67 6.17
C ASP A 167 11.68 14.93 4.92
N ILE A 168 12.72 14.13 5.12
CA ILE A 168 13.35 13.40 4.03
C ILE A 168 12.38 12.42 3.37
N ALA A 169 11.64 11.68 4.19
CA ALA A 169 10.63 10.77 3.70
C ALA A 169 9.52 11.51 2.98
N GLU A 170 9.12 12.65 3.54
CA GLU A 170 8.08 13.47 2.93
C GLU A 170 8.49 13.93 1.52
N ALA A 171 9.72 14.46 1.39
CA ALA A 171 10.22 14.98 0.10
C ALA A 171 10.24 13.88 -0.96
N MET A 172 10.37 12.65 -0.47
CA MET A 172 10.43 11.45 -1.27
C MET A 172 9.09 11.13 -1.90
N MET A 173 8.01 11.44 -1.18
CA MET A 173 6.66 11.25 -1.64
C MET A 173 6.19 12.39 -2.52
N ARG A 174 6.89 13.52 -2.40
CA ARG A 174 6.38 14.85 -2.81
C ARG A 174 5.57 14.96 -4.11
N VAL A 175 6.13 14.52 -5.24
CA VAL A 175 5.51 14.68 -6.59
C VAL A 175 4.23 15.56 -6.59
N ASP A 176 4.27 16.73 -7.24
CA ASP A 176 5.22 17.10 -8.28
C ASP A 176 6.56 17.67 -7.81
N GLN A 177 7.64 16.96 -8.16
CA GLN A 177 8.99 17.50 -8.15
C GLN A 177 9.63 17.05 -9.46
N ASP A 178 10.48 17.89 -10.07
CA ASP A 178 11.09 17.60 -11.38
C ASP A 178 12.14 16.47 -11.33
N ALA A 179 12.41 15.84 -12.51
CA ALA A 179 13.28 14.65 -12.58
C ALA A 179 14.41 14.66 -11.41
N ALA A 180 15.34 15.91 -11.60
CA ALA A 180 16.48 16.29 -10.63
C ALA A 180 16.00 16.28 -9.12
N ALA A 181 15.16 17.29 -8.86
CA ALA A 181 14.60 17.42 -7.49
C ALA A 181 14.24 16.03 -6.99
N THR A 182 13.68 15.21 -7.87
CA THR A 182 13.30 13.86 -7.48
C THR A 182 14.52 13.01 -7.09
N GLU A 183 15.55 13.05 -7.92
CA GLU A 183 16.76 12.30 -7.63
C GLU A 183 17.47 12.81 -6.39
N ALA A 184 17.51 14.14 -6.22
CA ALA A 184 18.13 14.76 -5.04
C ALA A 184 17.43 14.33 -3.74
N ALA A 185 16.10 14.19 -3.77
CA ALA A 185 15.39 13.68 -2.60
C ALA A 185 15.81 12.24 -2.28
N GLY A 186 15.92 11.42 -3.32
CA GLY A 186 16.37 10.03 -3.19
C GLY A 186 17.78 9.93 -2.64
N MET A 187 18.68 10.79 -3.11
CA MET A 187 20.06 10.78 -2.62
C MET A 187 20.15 11.19 -1.15
N ARG A 188 19.30 12.13 -0.73
CA ARG A 188 19.25 12.49 0.69
C ARG A 188 18.70 11.35 1.55
N LEU A 189 17.70 10.65 1.04
CA LEU A 189 17.18 9.49 1.78
C LEU A 189 18.25 8.43 1.90
N GLY A 190 18.91 8.12 0.78
CA GLY A 190 20.04 7.20 0.79
C GLY A 190 21.10 7.51 1.84
N GLY A 191 21.50 8.78 1.94
CA GLY A 191 22.49 9.20 2.92
C GLY A 191 22.01 8.95 4.35
N LEU A 192 20.75 9.30 4.60
CA LEU A 192 20.13 9.11 5.92
C LEU A 192 20.15 7.64 6.31
N LEU A 193 19.68 6.79 5.39
CA LEU A 193 19.65 5.36 5.64
C LEU A 193 21.02 4.75 5.80
N TYR A 194 21.99 5.15 4.97
CA TYR A 194 23.37 4.70 5.18
C TYR A 194 23.87 5.01 6.61
N GLN A 195 23.67 6.26 7.04
CA GLN A 195 24.12 6.67 8.39
C GLN A 195 23.35 5.91 9.46
N LEU A 196 22.07 5.65 9.19
CA LEU A 196 21.24 4.92 10.15
C LEU A 196 21.83 3.54 10.39
N VAL A 197 22.16 2.86 9.31
CA VAL A 197 22.74 1.53 9.38
C VAL A 197 24.07 1.54 10.18
N GLN A 198 24.94 2.53 9.90
CA GLN A 198 26.19 2.65 10.65
C GLN A 198 25.95 2.84 12.16
N GLU A 199 24.98 3.67 12.51
CA GLU A 199 24.66 3.94 13.91
C GLU A 199 24.11 2.71 14.63
N ARG A 200 23.26 1.93 13.97
CA ARG A 200 22.73 0.70 14.56
C ARG A 200 23.82 -0.36 14.74
N ARG A 201 24.76 -0.40 13.81
CA ARG A 201 25.98 -1.20 14.01
C ARG A 201 26.78 -0.71 15.23
N ALA A 202 27.02 0.60 15.31
CA ALA A 202 27.72 1.23 16.46
C ALA A 202 27.01 1.05 17.81
N ASN A 203 25.70 1.29 17.86
CA ASN A 203 24.90 0.85 19.02
C ASN A 203 23.59 0.15 18.71
N PRO A 204 23.62 -1.18 18.74
CA PRO A 204 22.47 -1.99 18.42
C PRO A 204 21.36 -1.74 19.43
N GLY A 205 20.11 -1.90 19.00
CA GLY A 205 18.95 -1.80 19.86
C GLY A 205 17.97 -2.92 19.55
N ASP A 206 16.70 -2.69 19.87
CA ASP A 206 15.65 -3.69 19.75
C ASP A 206 14.89 -3.54 18.44
N ASP A 207 15.41 -2.68 17.54
CA ASP A 207 14.69 -2.32 16.30
C ASP A 207 14.94 -3.34 15.20
N LEU A 208 14.25 -3.17 14.06
CA LEU A 208 14.42 -4.08 12.93
C LEU A 208 15.83 -4.08 12.31
N ILE A 209 16.44 -2.90 12.18
CA ILE A 209 17.76 -2.80 11.52
C ILE A 209 18.83 -3.50 12.37
N SER A 210 18.83 -3.22 13.66
CA SER A 210 19.67 -3.93 14.62
C SER A 210 19.47 -5.44 14.50
N ALA A 211 18.21 -5.87 14.40
CA ALA A 211 17.88 -7.31 14.36
C ALA A 211 18.44 -7.95 13.08
N LEU A 212 18.32 -7.24 11.96
CA LEU A 212 18.90 -7.76 10.73
C LEU A 212 20.42 -7.83 10.78
N ILE A 213 21.05 -6.84 11.40
CA ILE A 213 22.52 -6.81 11.46
C ILE A 213 23.00 -8.10 12.12
N THR A 214 22.14 -8.66 12.96
CA THR A 214 22.55 -9.72 13.85
C THR A 214 21.89 -11.08 13.50
N THR A 215 21.15 -11.11 12.39
CA THR A 215 20.36 -12.30 12.00
C THR A 215 21.24 -13.45 11.51
N GLU A 216 20.71 -14.67 11.53
CA GLU A 216 21.44 -15.83 11.01
C GLU A 216 21.61 -15.71 9.50
N ASP A 217 22.86 -15.73 9.05
CA ASP A 217 23.19 -15.35 7.68
C ASP A 217 24.42 -16.16 7.20
N PRO A 218 24.25 -17.48 6.99
CA PRO A 218 25.32 -18.48 6.73
C PRO A 218 26.69 -18.08 6.09
N ASP A 219 26.87 -17.65 4.83
CA ASP A 219 25.96 -17.28 3.71
C ASP A 219 26.24 -15.82 3.32
N GLY A 220 26.28 -14.96 4.34
CA GLY A 220 26.89 -13.65 4.28
C GLY A 220 26.27 -12.65 3.31
N VAL A 221 24.97 -12.76 3.11
CA VAL A 221 24.31 -11.81 2.21
C VAL A 221 23.93 -10.50 2.90
N VAL A 222 23.79 -10.48 4.24
CA VAL A 222 23.30 -9.24 4.86
C VAL A 222 24.41 -8.24 5.15
N ASP A 223 24.82 -7.51 4.11
CA ASP A 223 25.81 -6.45 4.27
C ASP A 223 25.12 -5.08 4.30
N ASP A 224 25.90 -4.00 4.36
CA ASP A 224 25.32 -2.65 4.41
C ASP A 224 24.41 -2.36 3.19
N MET A 225 24.82 -2.85 2.02
CA MET A 225 23.98 -2.73 0.82
C MET A 225 22.63 -3.42 0.99
N PHE A 226 22.64 -4.68 1.43
CA PHE A 226 21.40 -5.38 1.75
C PHE A 226 20.54 -4.57 2.71
N LEU A 227 21.13 -4.05 3.78
CA LEU A 227 20.35 -3.35 4.81
C LEU A 227 19.75 -2.04 4.30
N MET A 228 20.52 -1.31 3.50
CA MET A 228 20.00 -0.09 2.86
C MET A 228 18.88 -0.40 1.88
N ASN A 229 19.05 -1.47 1.12
CA ASN A 229 18.01 -1.88 0.19
C ASN A 229 16.71 -2.26 0.91
N ALA A 230 16.83 -3.02 2.00
CA ALA A 230 15.66 -3.43 2.78
C ALA A 230 14.98 -2.26 3.45
N ALA A 231 15.77 -1.37 4.08
CA ALA A 231 15.23 -0.22 4.80
C ALA A 231 14.53 0.73 3.83
N GLY A 232 15.18 1.03 2.70
CA GLY A 232 14.59 1.89 1.67
C GLY A 232 13.28 1.30 1.19
N THR A 233 13.28 0.00 0.90
CA THR A 233 12.10 -0.68 0.37
C THR A 233 10.93 -0.61 1.31
N LEU A 234 11.17 -0.89 2.58
CA LEU A 234 10.08 -0.92 3.55
C LEU A 234 9.52 0.47 3.78
N LEU A 235 10.39 1.46 3.91
CA LEU A 235 9.93 2.82 4.10
C LEU A 235 9.10 3.30 2.90
N ILE A 236 9.65 3.11 1.70
CA ILE A 236 8.99 3.61 0.50
C ILE A 236 7.68 2.85 0.27
N ALA A 237 7.72 1.52 0.41
CA ALA A 237 6.54 0.68 0.23
C ALA A 237 5.43 1.04 1.22
N ALA A 238 5.80 1.30 2.47
CA ALA A 238 4.82 1.55 3.55
C ALA A 238 4.20 2.93 3.52
N HIS A 239 4.89 3.88 2.92
CA HIS A 239 4.52 5.27 3.11
C HIS A 239 3.35 5.68 2.21
N ASP A 240 3.51 5.60 0.90
CA ASP A 240 2.42 6.04 0.00
C ASP A 240 1.18 5.11 0.05
N THR A 241 1.42 3.80 0.16
CA THR A 241 0.29 2.84 0.30
C THR A 241 -0.58 3.19 1.51
N THR A 242 0.04 3.27 2.68
CA THR A 242 -0.72 3.48 3.91
C THR A 242 -1.35 4.87 3.88
N ALA A 243 -0.62 5.86 3.37
CA ALA A 243 -1.14 7.22 3.34
C ALA A 243 -2.36 7.27 2.43
N CYS A 244 -2.30 6.57 1.29
CA CYS A 244 -3.42 6.50 0.35
C CYS A 244 -4.63 5.86 1.03
N MET A 245 -4.41 4.73 1.73
CA MET A 245 -5.52 4.08 2.45
C MET A 245 -6.13 5.00 3.51
N ILE A 246 -5.30 5.71 4.26
CA ILE A 246 -5.84 6.64 5.27
C ILE A 246 -6.67 7.75 4.64
N GLY A 247 -6.11 8.41 3.63
CA GLY A 247 -6.79 9.55 2.96
C GLY A 247 -8.04 9.14 2.23
N LEU A 248 -7.93 8.16 1.32
CA LEU A 248 -9.10 7.69 0.58
C LEU A 248 -10.12 6.98 1.48
N GLY A 249 -9.62 6.18 2.43
CA GLY A 249 -10.50 5.44 3.35
C GLY A 249 -11.29 6.42 4.21
N THR A 250 -10.63 7.47 4.72
CA THR A 250 -11.38 8.46 5.50
C THR A 250 -12.44 9.18 4.64
N ALA A 251 -12.03 9.60 3.44
CA ALA A 251 -12.94 10.30 2.53
C ALA A 251 -14.14 9.42 2.18
N LEU A 252 -13.88 8.14 1.86
CA LEU A 252 -14.95 7.20 1.48
C LEU A 252 -15.93 7.04 2.65
N LEU A 253 -15.39 6.85 3.86
CA LEU A 253 -16.26 6.79 5.03
C LEU A 253 -17.07 8.09 5.19
N LEU A 254 -16.41 9.23 5.07
CA LEU A 254 -17.11 10.51 5.22
C LEU A 254 -18.16 10.75 4.14
N ASP A 255 -17.97 10.15 2.97
CA ASP A 255 -18.92 10.27 1.85
C ASP A 255 -19.95 9.14 1.88
N SER A 256 -19.91 8.33 2.94
CA SER A 256 -20.82 7.20 3.12
C SER A 256 -21.51 7.32 4.52
N PRO A 257 -22.40 8.32 4.69
CA PRO A 257 -23.06 8.50 6.01
C PRO A 257 -23.83 7.26 6.48
N ASP A 258 -24.30 6.43 5.56
CA ASP A 258 -24.89 5.13 5.93
C ASP A 258 -23.90 4.24 6.72
N GLN A 259 -22.69 4.07 6.19
CA GLN A 259 -21.70 3.18 6.80
C GLN A 259 -21.10 3.83 8.02
N LEU A 260 -20.90 5.14 7.95
CA LEU A 260 -20.39 5.83 9.13
C LEU A 260 -21.35 5.71 10.33
N ALA A 261 -22.66 5.71 10.05
CA ALA A 261 -23.64 5.61 11.10
C ALA A 261 -23.54 4.20 11.71
N LEU A 262 -23.38 3.20 10.87
CA LEU A 262 -23.25 1.85 11.38
C LEU A 262 -22.01 1.67 12.28
N LEU A 263 -20.91 2.31 11.89
CA LEU A 263 -19.67 2.29 12.65
C LEU A 263 -19.84 3.00 14.00
N ARG A 264 -20.51 4.16 13.99
CA ARG A 264 -20.77 4.88 15.22
C ARG A 264 -21.70 4.13 16.16
N GLU A 265 -22.68 3.43 15.60
CA GLU A 265 -23.58 2.59 16.38
C GLU A 265 -22.88 1.37 16.95
N ASP A 266 -21.96 0.80 16.17
CA ASP A 266 -21.25 -0.41 16.60
C ASP A 266 -19.74 -0.26 16.34
N PRO A 267 -19.01 0.31 17.31
CA PRO A 267 -17.57 0.53 17.18
C PRO A 267 -16.78 -0.76 16.95
N SER A 268 -17.34 -1.92 17.27
CA SER A 268 -16.62 -3.19 16.98
C SER A 268 -16.47 -3.48 15.47
N LEU A 269 -17.14 -2.68 14.64
CA LEU A 269 -17.03 -2.83 13.18
C LEU A 269 -15.70 -2.28 12.61
N VAL A 270 -14.84 -1.67 13.42
CA VAL A 270 -13.64 -1.02 12.84
C VAL A 270 -12.85 -2.03 12.02
N GLY A 271 -12.61 -3.23 12.55
CA GLY A 271 -11.82 -4.22 11.80
C GLY A 271 -12.49 -4.60 10.49
N ASN A 272 -13.80 -4.85 10.52
CA ASN A 272 -14.56 -5.12 9.28
C ASN A 272 -14.48 -3.97 8.31
N ALA A 273 -14.52 -2.75 8.83
CA ALA A 273 -14.51 -1.58 7.98
C ALA A 273 -13.15 -1.48 7.28
N VAL A 274 -12.08 -1.77 8.00
CA VAL A 274 -10.74 -1.73 7.38
C VAL A 274 -10.67 -2.74 6.22
N GLU A 275 -11.18 -3.96 6.44
CA GLU A 275 -11.15 -4.96 5.36
C GLU A 275 -12.01 -4.58 4.17
N GLU A 276 -13.17 -4.03 4.45
CA GLU A 276 -14.03 -3.53 3.34
C GLU A 276 -13.44 -2.33 2.60
N LEU A 277 -12.82 -1.41 3.33
CA LEU A 277 -12.09 -0.30 2.66
C LEU A 277 -10.96 -0.84 1.78
N LEU A 278 -10.22 -1.83 2.29
CA LEU A 278 -9.16 -2.44 1.48
C LEU A 278 -9.71 -3.03 0.19
N ARG A 279 -10.81 -3.78 0.30
CA ARG A 279 -11.43 -4.37 -0.88
C ARG A 279 -11.97 -3.32 -1.80
N TYR A 280 -12.71 -2.37 -1.22
CA TYR A 280 -13.42 -1.40 -2.05
C TYR A 280 -12.46 -0.51 -2.82
N LEU A 281 -11.38 -0.11 -2.17
CA LEU A 281 -10.45 0.83 -2.79
C LEU A 281 -9.40 0.12 -3.66
N THR A 282 -9.10 -1.14 -3.32
CA THR A 282 -8.02 -1.92 -3.93
C THR A 282 -6.92 -1.03 -4.50
N ILE A 283 -6.19 -0.37 -3.61
CA ILE A 283 -5.35 0.74 -4.08
C ILE A 283 -4.26 0.26 -5.05
N GLY A 284 -4.09 1.01 -6.14
CA GLY A 284 -3.07 0.68 -7.15
C GLY A 284 -3.69 -0.07 -8.33
N GLN A 285 -4.85 -0.68 -8.09
CA GLN A 285 -5.72 -1.27 -9.11
C GLN A 285 -5.16 -2.55 -9.73
N PHE A 286 -3.91 -2.48 -10.21
CA PHE A 286 -3.23 -3.62 -10.85
C PHE A 286 -2.14 -4.25 -9.97
N GLY A 287 -1.96 -5.55 -10.13
CA GLY A 287 -0.77 -6.21 -9.59
C GLY A 287 0.42 -5.76 -10.40
N GLY A 288 1.63 -5.98 -9.87
CA GLY A 288 2.84 -5.71 -10.66
C GLY A 288 2.78 -6.50 -11.97
N GLU A 289 3.25 -5.90 -13.06
CA GLU A 289 3.21 -6.65 -14.33
C GLU A 289 4.13 -7.88 -14.23
N ARG A 290 3.60 -9.03 -14.62
CA ARG A 290 4.33 -10.29 -14.59
C ARG A 290 4.66 -10.79 -15.97
N VAL A 291 5.66 -11.66 -16.05
CA VAL A 291 5.97 -12.36 -17.30
C VAL A 291 5.96 -13.85 -17.04
N ALA A 292 5.46 -14.60 -18.01
CA ALA A 292 5.44 -16.05 -17.99
C ALA A 292 6.85 -16.56 -18.22
N THR A 293 7.37 -17.35 -17.27
CA THR A 293 8.69 -17.94 -17.47
C THR A 293 8.60 -19.30 -18.17
N ARG A 294 7.39 -19.80 -18.33
CA ARG A 294 7.11 -20.99 -19.13
C ARG A 294 5.68 -20.87 -19.65
N ASP A 295 5.31 -21.67 -20.65
CA ASP A 295 3.90 -21.73 -21.07
C ASP A 295 3.03 -22.12 -19.89
N VAL A 296 1.87 -21.47 -19.75
CA VAL A 296 0.95 -21.72 -18.64
C VAL A 296 -0.48 -21.57 -19.16
N GLU A 297 -1.37 -22.46 -18.74
CA GLU A 297 -2.79 -22.30 -19.02
C GLU A 297 -3.47 -21.62 -17.83
N LEU A 298 -4.15 -20.50 -18.09
CA LEU A 298 -4.82 -19.74 -17.04
C LEU A 298 -6.23 -19.51 -17.52
N GLY A 299 -7.24 -19.91 -16.72
CA GLY A 299 -8.65 -19.77 -17.16
C GLY A 299 -8.95 -20.42 -18.51
N GLY A 300 -8.27 -21.52 -18.82
CA GLY A 300 -8.45 -22.23 -20.09
C GLY A 300 -7.70 -21.62 -21.29
N VAL A 301 -7.01 -20.52 -21.04
CA VAL A 301 -6.27 -19.76 -22.08
C VAL A 301 -4.77 -20.01 -21.94
N ARG A 302 -4.15 -20.39 -23.05
CA ARG A 302 -2.72 -20.64 -23.06
C ARG A 302 -1.94 -19.32 -23.11
N ILE A 303 -1.08 -19.11 -22.12
CA ILE A 303 -0.19 -17.94 -22.09
C ILE A 303 1.23 -18.44 -22.37
N ALA A 304 1.88 -17.87 -23.38
CA ALA A 304 3.18 -18.39 -23.82
C ALA A 304 4.28 -17.82 -22.97
N LYS A 305 5.31 -18.62 -22.76
CA LYS A 305 6.58 -18.14 -22.18
C LYS A 305 6.94 -16.78 -22.78
N GLY A 306 7.23 -15.81 -21.92
CA GLY A 306 7.68 -14.51 -22.39
C GLY A 306 6.57 -13.49 -22.53
N GLU A 307 5.32 -13.93 -22.47
CA GLU A 307 4.19 -12.98 -22.56
C GLU A 307 3.91 -12.29 -21.22
N GLN A 308 3.38 -11.07 -21.27
CA GLN A 308 3.17 -10.24 -20.07
C GLN A 308 1.77 -10.47 -19.58
N VAL A 309 1.56 -10.33 -18.28
CA VAL A 309 0.26 -10.59 -17.70
C VAL A 309 0.02 -9.55 -16.61
N VAL A 310 -1.13 -8.88 -16.67
CA VAL A 310 -1.47 -7.87 -15.70
C VAL A 310 -2.73 -8.28 -14.92
N ALA A 311 -2.56 -8.47 -13.61
CA ALA A 311 -3.70 -8.74 -12.71
C ALA A 311 -4.49 -7.45 -12.48
N HIS A 312 -5.78 -7.46 -12.82
CA HIS A 312 -6.66 -6.36 -12.48
C HIS A 312 -7.25 -6.72 -11.09
N VAL A 313 -6.52 -6.37 -10.03
CA VAL A 313 -6.91 -6.77 -8.67
C VAL A 313 -8.23 -6.09 -8.25
N LEU A 314 -8.45 -4.87 -8.70
CA LEU A 314 -9.66 -4.14 -8.41
C LEU A 314 -10.83 -4.91 -8.99
N ALA A 315 -10.73 -5.31 -10.27
CA ALA A 315 -11.82 -6.11 -10.87
C ALA A 315 -12.05 -7.40 -10.07
N ALA A 316 -10.96 -8.09 -9.69
CA ALA A 316 -11.09 -9.34 -8.94
C ALA A 316 -11.85 -9.10 -7.62
N ASP A 317 -11.55 -7.98 -6.97
CA ASP A 317 -12.14 -7.66 -5.62
C ASP A 317 -13.62 -7.25 -5.72
N PHE A 318 -14.09 -7.06 -6.95
CA PHE A 318 -15.50 -6.81 -7.21
C PHE A 318 -16.20 -7.94 -7.99
N ASP A 319 -15.58 -9.10 -8.02
CA ASP A 319 -16.20 -10.25 -8.71
C ASP A 319 -17.39 -10.78 -7.91
N PRO A 320 -18.60 -10.87 -8.53
CA PRO A 320 -19.75 -11.37 -7.75
C PRO A 320 -19.60 -12.85 -7.36
N ALA A 321 -18.65 -13.56 -7.94
CA ALA A 321 -18.35 -14.91 -7.53
C ALA A 321 -17.58 -14.89 -6.21
N PHE A 322 -16.97 -13.75 -5.89
CA PHE A 322 -16.15 -13.57 -4.68
C PHE A 322 -17.01 -13.05 -3.51
N VAL A 323 -17.67 -11.91 -3.69
CA VAL A 323 -18.65 -11.45 -2.67
C VAL A 323 -19.98 -11.08 -3.31
N GLU A 324 -21.04 -11.20 -2.53
CA GLU A 324 -22.39 -10.89 -2.98
C GLU A 324 -22.53 -9.38 -3.08
N GLU A 325 -23.28 -8.93 -4.08
CA GLU A 325 -23.53 -7.50 -4.29
C GLU A 325 -22.24 -6.66 -4.12
N PRO A 326 -21.20 -7.01 -4.91
CA PRO A 326 -19.87 -6.43 -4.70
C PRO A 326 -19.81 -4.92 -4.85
N GLU A 327 -20.70 -4.32 -5.64
CA GLU A 327 -20.71 -2.85 -5.82
C GLU A 327 -21.01 -2.11 -4.54
N ARG A 328 -21.65 -2.77 -3.57
CA ARG A 328 -21.99 -2.10 -2.30
C ARG A 328 -20.81 -1.94 -1.38
N PHE A 329 -20.61 -0.70 -0.88
CA PHE A 329 -19.62 -0.45 0.14
C PHE A 329 -20.34 -0.75 1.47
N ASP A 330 -19.97 -1.86 2.10
CA ASP A 330 -20.74 -2.39 3.22
C ASP A 330 -19.78 -2.91 4.28
N ILE A 331 -19.58 -2.12 5.33
CA ILE A 331 -18.60 -2.46 6.39
C ILE A 331 -19.12 -3.58 7.30
N THR A 332 -20.37 -4.01 7.11
CA THR A 332 -20.94 -5.08 7.95
C THR A 332 -20.57 -6.46 7.44
N ARG A 333 -19.96 -6.51 6.25
CA ARG A 333 -19.53 -7.79 5.70
C ARG A 333 -18.54 -8.45 6.65
N ARG A 334 -18.66 -9.76 6.77
CA ARG A 334 -17.63 -10.59 7.40
C ARG A 334 -16.41 -10.51 6.48
N PRO A 335 -15.22 -10.23 7.03
CA PRO A 335 -14.08 -10.00 6.13
C PRO A 335 -13.87 -11.25 5.24
N ALA A 336 -13.74 -11.05 3.93
CA ALA A 336 -13.59 -12.14 2.96
C ALA A 336 -12.15 -12.05 2.44
N PRO A 337 -11.64 -13.10 1.80
CA PRO A 337 -10.22 -12.99 1.43
C PRO A 337 -10.02 -12.19 0.14
N HIS A 338 -10.07 -10.86 0.26
CA HIS A 338 -9.82 -9.98 -0.89
C HIS A 338 -8.36 -10.11 -1.29
N LEU A 339 -8.07 -9.57 -2.46
CA LEU A 339 -6.71 -9.68 -2.99
C LEU A 339 -5.98 -8.33 -2.98
N ALA A 340 -6.41 -7.40 -2.12
CA ALA A 340 -5.78 -6.08 -2.08
C ALA A 340 -4.32 -6.04 -1.62
N PHE A 341 -3.91 -7.08 -0.88
CA PHE A 341 -2.50 -7.28 -0.51
C PHE A 341 -1.83 -8.36 -1.36
N GLY A 342 -2.47 -8.74 -2.46
CA GLY A 342 -1.90 -9.79 -3.28
C GLY A 342 -2.11 -11.19 -2.70
N PHE A 343 -1.33 -12.14 -3.20
CA PHE A 343 -1.51 -13.54 -2.86
C PHE A 343 -0.26 -14.27 -3.36
N GLY A 344 0.13 -15.35 -2.71
CA GLY A 344 1.28 -16.13 -3.20
C GLY A 344 2.60 -15.56 -2.68
N ALA A 345 3.67 -15.77 -3.45
CA ALA A 345 5.04 -15.47 -3.01
C ALA A 345 5.40 -14.02 -2.81
N HIS A 346 4.84 -13.16 -3.65
CA HIS A 346 5.07 -11.73 -3.53
C HIS A 346 3.99 -11.06 -2.75
N GLN A 347 3.10 -11.81 -2.07
CA GLN A 347 2.02 -11.14 -1.31
C GLN A 347 2.66 -10.13 -0.36
N CYS A 348 1.93 -9.08 -0.03
CA CYS A 348 2.46 -7.94 0.70
C CYS A 348 3.09 -8.39 2.00
N ILE A 349 4.37 -8.09 2.20
CA ILE A 349 5.05 -8.48 3.43
C ILE A 349 4.64 -7.57 4.62
N GLY A 350 4.12 -6.37 4.34
CA GLY A 350 3.77 -5.45 5.43
C GLY A 350 2.28 -5.46 5.76
N GLN A 351 1.52 -6.44 5.25
CA GLN A 351 0.05 -6.35 5.36
C GLN A 351 -0.46 -6.35 6.78
N GLN A 352 0.20 -7.10 7.66
CA GLN A 352 -0.26 -7.09 9.05
C GLN A 352 0.00 -5.75 9.69
N LEU A 353 1.13 -5.12 9.36
CA LEU A 353 1.41 -3.78 9.85
C LEU A 353 0.39 -2.75 9.34
N ALA A 354 0.10 -2.82 8.05
CA ALA A 354 -0.91 -1.96 7.45
C ALA A 354 -2.25 -2.14 8.14
N ARG A 355 -2.67 -3.39 8.35
CA ARG A 355 -3.95 -3.63 9.03
C ARG A 355 -3.94 -3.06 10.45
N ILE A 356 -2.86 -3.29 11.18
CA ILE A 356 -2.76 -2.76 12.55
C ILE A 356 -2.81 -1.21 12.54
N GLU A 357 -2.04 -0.58 11.66
CA GLU A 357 -2.05 0.88 11.57
C GLU A 357 -3.41 1.47 11.24
N LEU A 358 -4.07 0.91 10.21
CA LEU A 358 -5.40 1.42 9.83
C LEU A 358 -6.45 1.22 10.92
N GLN A 359 -6.37 0.10 11.62
CA GLN A 359 -7.27 -0.11 12.73
C GLN A 359 -7.17 0.96 13.80
N ILE A 360 -5.95 1.27 14.18
CA ILE A 360 -5.68 2.27 15.22
C ILE A 360 -6.03 3.67 14.69
N VAL A 361 -5.68 3.93 13.42
CA VAL A 361 -5.98 5.19 12.79
C VAL A 361 -7.48 5.47 12.78
N PHE A 362 -8.26 4.54 12.22
CA PHE A 362 -9.69 4.79 12.10
C PHE A 362 -10.41 4.81 13.44
N GLU A 363 -10.03 3.89 14.35
CA GLU A 363 -10.67 3.89 15.67
C GLU A 363 -10.44 5.24 16.36
N THR A 364 -9.19 5.70 16.35
CA THR A 364 -8.83 6.92 17.11
C THR A 364 -9.40 8.20 16.47
N LEU A 365 -9.25 8.33 15.16
CA LEU A 365 -9.77 9.46 14.39
C LEU A 365 -11.25 9.74 14.71
N PHE A 366 -12.09 8.74 14.51
CA PHE A 366 -13.55 8.94 14.64
C PHE A 366 -13.99 9.11 16.08
N ARG A 367 -13.22 8.54 17.00
CA ARG A 367 -13.48 8.69 18.41
C ARG A 367 -13.05 10.07 18.91
N ARG A 368 -11.83 10.48 18.56
CA ARG A 368 -11.23 11.72 19.05
C ARG A 368 -11.77 12.96 18.37
N LEU A 369 -12.26 12.82 17.14
CA LEU A 369 -12.88 13.92 16.44
C LEU A 369 -14.34 13.59 16.18
N PRO A 370 -15.20 13.70 17.22
CA PRO A 370 -16.62 13.39 17.04
C PRO A 370 -17.28 14.37 16.07
N GLY A 371 -18.15 13.84 15.23
CA GLY A 371 -18.82 14.66 14.22
C GLY A 371 -17.88 15.04 13.09
N LEU A 372 -16.80 14.28 12.92
CA LEU A 372 -15.90 14.51 11.79
C LEU A 372 -16.71 14.46 10.51
N ARG A 373 -16.45 15.43 9.64
CA ARG A 373 -17.13 15.55 8.37
C ARG A 373 -16.24 16.28 7.37
N LEU A 374 -16.54 16.14 6.07
CA LEU A 374 -15.86 16.90 5.02
C LEU A 374 -16.16 18.38 5.16
N ALA A 375 -15.13 19.22 5.04
CA ALA A 375 -15.26 20.68 5.08
C ALA A 375 -15.68 21.25 3.73
N LYS A 376 -15.58 20.42 2.69
CA LYS A 376 -15.99 20.77 1.33
C LYS A 376 -16.69 19.58 0.71
N PRO A 377 -17.65 19.81 -0.20
CA PRO A 377 -18.28 18.67 -0.89
C PRO A 377 -17.26 17.76 -1.56
N VAL A 378 -17.57 16.47 -1.64
CA VAL A 378 -16.73 15.49 -2.32
C VAL A 378 -16.31 15.82 -3.74
N GLU A 379 -17.20 16.46 -4.51
CA GLU A 379 -16.87 16.70 -5.92
C GLU A 379 -15.78 17.77 -6.09
N GLU A 380 -15.47 18.46 -5.00
CA GLU A 380 -14.37 19.42 -4.92
C GLU A 380 -13.02 18.79 -4.52
N LEU A 381 -13.03 17.51 -4.13
CA LEU A 381 -11.76 16.83 -3.86
C LEU A 381 -10.96 16.68 -5.15
N ARG A 382 -9.64 16.76 -5.01
CA ARG A 382 -8.74 16.60 -6.14
C ARG A 382 -7.95 15.34 -5.92
N PHE A 383 -8.07 14.42 -6.86
CA PHE A 383 -7.42 13.14 -6.75
C PHE A 383 -6.05 13.16 -7.42
N ARG A 384 -5.07 12.52 -6.79
CA ARG A 384 -3.80 12.23 -7.45
C ARG A 384 -4.10 11.02 -8.32
N HIS A 385 -3.96 11.18 -9.64
CA HIS A 385 -4.22 10.12 -10.57
C HIS A 385 -3.13 10.07 -11.63
N ASP A 386 -2.50 8.91 -11.77
CA ASP A 386 -1.50 8.74 -12.83
C ASP A 386 -1.59 7.28 -13.24
N ILE A 387 -2.39 7.06 -14.28
CA ILE A 387 -2.88 5.72 -14.70
C ILE A 387 -3.86 5.16 -13.67
N VAL A 388 -3.48 5.17 -12.40
CA VAL A 388 -4.34 4.76 -11.30
C VAL A 388 -4.38 5.87 -10.25
N PHE A 389 -5.32 5.80 -9.30
CA PHE A 389 -5.38 6.74 -8.18
C PHE A 389 -4.31 6.49 -7.11
N TYR A 390 -3.65 7.55 -6.70
CA TYR A 390 -2.64 7.50 -5.62
C TYR A 390 -3.13 8.10 -4.32
N GLY A 391 -4.28 8.74 -4.37
CA GLY A 391 -4.85 9.32 -3.18
C GLY A 391 -5.55 10.61 -3.54
N VAL A 392 -5.80 11.44 -2.52
CA VAL A 392 -6.32 12.78 -2.69
C VAL A 392 -5.23 13.79 -2.34
N HIS A 393 -5.22 14.94 -2.99
CA HIS A 393 -4.22 15.97 -2.73
C HIS A 393 -4.36 16.56 -1.34
N GLU A 394 -5.59 16.87 -0.96
CA GLU A 394 -5.90 17.34 0.36
C GLU A 394 -7.25 16.81 0.75
N LEU A 395 -7.51 16.80 2.05
CA LEU A 395 -8.76 16.33 2.58
C LEU A 395 -9.17 17.29 3.69
N PRO A 396 -9.85 18.40 3.32
CA PRO A 396 -10.31 19.37 4.31
C PRO A 396 -11.44 18.78 5.14
N VAL A 397 -11.26 18.78 6.46
CA VAL A 397 -12.26 18.22 7.39
C VAL A 397 -12.56 19.20 8.55
N THR A 398 -13.79 19.15 9.09
CA THR A 398 -14.09 19.78 10.41
C THR A 398 -14.68 18.71 11.34
N TRP A 399 -14.87 19.09 12.60
CA TRP A 399 -15.48 18.24 13.61
C TRP A 399 -16.13 19.12 14.69
N HIS A 400 -16.83 18.51 15.64
CA HIS A 400 -17.55 19.27 16.67
C HIS A 400 -16.62 19.99 17.65
CHA HEM B . 3.62 -6.40 -2.08
CHB HEM B . -0.51 -3.98 -1.36
CHC HEM B . 1.29 -1.78 2.54
CHD HEM B . 5.57 -3.77 1.48
C1A HEM B . 2.31 -5.95 -2.17
C2A HEM B . 1.37 -6.42 -3.10
C3A HEM B . 0.24 -5.75 -2.93
C4A HEM B . 0.43 -4.84 -1.84
CMA HEM B . -1.04 -5.95 -3.78
CAA HEM B . 1.57 -7.54 -4.16
CBA HEM B . 2.06 -6.91 -5.48
CGA HEM B . 2.12 -7.97 -6.56
O1A HEM B . 1.90 -9.22 -6.32
O2A HEM B . 2.37 -7.51 -7.73
C1B HEM B . -0.39 -3.18 -0.26
C2B HEM B . -1.41 -2.35 0.31
C3B HEM B . -0.93 -1.73 1.38
C4B HEM B . 0.46 -2.16 1.53
CMB HEM B . -2.87 -2.16 -0.16
CAB HEM B . -1.77 -0.78 2.28
CBB HEM B . -1.26 0.03 3.18
C1C HEM B . 2.57 -2.23 2.61
C2C HEM B . 3.43 -1.99 3.72
C3C HEM B . 4.61 -2.52 3.38
C4C HEM B . 4.51 -3.12 2.09
CMC HEM B . 3.05 -1.21 5.02
CAC HEM B . 5.90 -2.53 4.23
CBC HEM B . 5.90 -2.28 5.56
C1D HEM B . 5.45 -4.61 0.41
C2D HEM B . 6.57 -5.26 -0.21
C3D HEM B . 5.97 -6.06 -1.33
C4D HEM B . 4.56 -5.83 -1.27
CMD HEM B . 8.06 -5.11 0.16
CAD HEM B . 6.71 -6.98 -2.31
CBD HEM B . 6.84 -8.33 -1.57
CGD HEM B . 7.68 -9.25 -2.44
O1D HEM B . 7.99 -10.39 -2.02
O2D HEM B . 7.99 -8.85 -3.59
NA HEM B . 1.72 -4.99 -1.36
NB HEM B . 0.78 -3.03 0.52
NC HEM B . 3.22 -2.98 1.60
ND HEM B . 4.30 -4.98 -0.24
FE HEM B . 2.49 -3.98 0.16
#